data_2PQX
#
_entry.id   2PQX
#
_cell.length_a   39.894
_cell.length_b   49.626
_cell.length_c   53.398
_cell.angle_alpha   90.000
_cell.angle_beta   96.863
_cell.angle_gamma   90.000
#
_symmetry.space_group_name_H-M   'P 1 21 1'
#
loop_
_entity.id
_entity.type
_entity.pdbx_description
1 polymer 'Ribonuclease I'
2 non-polymer 'CALCIUM ION'
3 non-polymer '2-(N-MORPHOLINO)-ETHANESULFONIC ACID'
4 water water
#
_entity_poly.entity_id   1
_entity_poly.type   'polypeptide(L)'
_entity_poly.pdbx_seq_one_letter_code
;LALQAKQYGDFDRYVLALSWQTGFCQSQHDRNRNERDECRLQTETTNKADFLTVHGLWPGLPKSVAARGVDERRWMRFGC
ATRPIPNLPEARASRMCSSPETGLSLETAAKLSEVMPGAGGRSCLERYEYAKHGACFGFDPDAYFGTMVRLNQEIKESEA
GKFLADNYGKTVSRRDFDAAFAKSWGKENVKAVKLTCQGNPAYLTEIQISIKADAINAPLSANSFLPQPHPGNCGKTFVI
DKAGY
;
_entity_poly.pdbx_strand_id   A
#
loop_
_chem_comp.id
_chem_comp.type
_chem_comp.name
_chem_comp.formula
CA non-polymer 'CALCIUM ION' 'Ca 2'
MES non-polymer '2-(N-MORPHOLINO)-ETHANESULFONIC ACID' 'C6 H13 N O4 S'
#
# COMPACT_ATOMS: atom_id res chain seq x y z
N LEU A 1 17.16 0.17 7.44
CA LEU A 1 18.39 0.24 6.59
C LEU A 1 18.03 0.42 5.12
N ALA A 2 18.82 -0.15 4.22
CA ALA A 2 18.56 0.00 2.80
C ALA A 2 17.92 -1.23 2.14
N LEU A 3 16.83 -0.99 1.42
CA LEU A 3 16.11 -2.03 0.71
C LEU A 3 16.81 -2.30 -0.61
N GLN A 4 17.17 -3.54 -0.87
CA GLN A 4 17.86 -3.91 -2.10
C GLN A 4 17.40 -5.25 -2.62
N ALA A 5 17.25 -5.35 -3.94
CA ALA A 5 16.86 -6.61 -4.57
C ALA A 5 18.13 -7.40 -4.83
N LYS A 6 18.06 -8.72 -4.69
CA LYS A 6 19.21 -9.59 -4.95
C LYS A 6 19.06 -10.23 -6.33
N GLN A 7 17.86 -10.16 -6.89
CA GLN A 7 17.56 -10.71 -8.20
C GLN A 7 16.36 -9.98 -8.79
N TYR A 8 16.27 -9.97 -10.12
CA TYR A 8 15.17 -9.30 -10.82
C TYR A 8 15.08 -7.85 -10.39
N GLY A 9 16.22 -7.26 -10.02
CA GLY A 9 16.22 -5.89 -9.54
C GLY A 9 16.06 -4.79 -10.58
N ASP A 10 15.84 -5.17 -11.84
CA ASP A 10 15.71 -4.16 -12.87
C ASP A 10 14.31 -3.63 -13.11
N PHE A 11 13.66 -3.21 -12.02
CA PHE A 11 12.35 -2.58 -12.11
C PHE A 11 12.62 -1.11 -11.81
N ASP A 12 11.74 -0.23 -12.27
CA ASP A 12 11.99 1.20 -12.06
C ASP A 12 11.19 1.86 -10.96
N ARG A 13 10.26 1.12 -10.35
CA ARG A 13 9.43 1.75 -9.34
C ARG A 13 8.84 0.79 -8.34
N TYR A 14 8.27 1.37 -7.29
CA TYR A 14 7.57 0.63 -6.26
C TYR A 14 6.26 1.36 -6.10
N VAL A 15 5.19 0.60 -5.84
CA VAL A 15 3.91 1.23 -5.57
C VAL A 15 3.69 1.03 -4.08
N LEU A 16 3.64 2.13 -3.35
CA LEU A 16 3.38 2.07 -1.92
C LEU A 16 1.86 2.04 -1.81
N ALA A 17 1.33 0.96 -1.26
CA ALA A 17 -0.11 0.82 -1.10
C ALA A 17 -0.48 1.05 0.34
N LEU A 18 -1.27 2.09 0.57
CA LEU A 18 -1.71 2.46 1.91
C LEU A 18 -3.21 2.39 1.99
N SER A 19 -3.71 1.62 2.95
CA SER A 19 -5.14 1.47 3.13
C SER A 19 -5.70 2.57 4.02
N TRP A 20 -6.92 3.02 3.71
CA TRP A 20 -7.59 3.96 4.58
C TRP A 20 -8.36 2.89 5.34
N GLN A 21 -7.79 2.45 6.45
CA GLN A 21 -8.32 1.35 7.25
C GLN A 21 -9.80 1.37 7.57
N THR A 22 -10.34 2.52 7.96
CA THR A 22 -11.75 2.61 8.25
C THR A 22 -12.55 2.25 7.00
N GLY A 23 -12.13 2.79 5.86
CA GLY A 23 -12.81 2.51 4.60
C GLY A 23 -12.68 1.05 4.20
N PHE A 24 -11.50 0.47 4.43
CA PHE A 24 -11.28 -0.92 4.11
C PHE A 24 -12.30 -1.75 4.89
N CYS A 25 -12.40 -1.48 6.17
CA CYS A 25 -13.33 -2.19 7.04
C CYS A 25 -14.77 -1.98 6.61
N GLN A 26 -15.11 -0.75 6.21
CA GLN A 26 -16.46 -0.44 5.76
C GLN A 26 -16.77 -1.25 4.52
N SER A 27 -15.81 -1.31 3.60
CA SER A 27 -15.99 -2.05 2.35
C SER A 27 -16.23 -3.55 2.57
N GLN A 28 -15.40 -4.17 3.41
CA GLN A 28 -15.51 -5.59 3.76
C GLN A 28 -16.92 -5.85 4.27
N HIS A 29 -17.38 -4.93 5.12
CA HIS A 29 -18.72 -5.00 5.71
C HIS A 29 -19.83 -4.81 4.66
N ASP A 30 -19.71 -3.82 3.80
CA ASP A 30 -20.73 -3.57 2.78
C ASP A 30 -20.84 -4.70 1.76
N ARG A 31 -19.74 -5.41 1.53
CA ARG A 31 -19.72 -6.51 0.57
C ARG A 31 -20.11 -7.84 1.21
N ASN A 32 -20.51 -7.80 2.48
CA ASN A 32 -20.91 -9.01 3.20
C ASN A 32 -19.77 -10.01 3.41
N ARG A 33 -18.62 -9.53 3.85
CA ARG A 33 -17.50 -10.41 4.14
C ARG A 33 -17.45 -10.55 5.66
N ASN A 34 -17.05 -11.72 6.14
CA ASN A 34 -16.96 -11.93 7.58
C ASN A 34 -15.95 -10.95 8.16
N GLU A 35 -16.23 -10.42 9.34
CA GLU A 35 -15.34 -9.45 9.96
C GLU A 35 -14.03 -10.06 10.46
N ARG A 36 -12.92 -9.39 10.14
CA ARG A 36 -11.59 -9.83 10.58
C ARG A 36 -11.34 -9.04 11.85
N ASP A 37 -10.67 -9.64 12.84
CA ASP A 37 -10.39 -8.94 14.08
C ASP A 37 -9.94 -7.50 13.80
N GLU A 38 -9.15 -7.33 12.75
CA GLU A 38 -8.67 -6.02 12.34
C GLU A 38 -9.72 -4.94 12.52
N CYS A 39 -10.87 -5.20 11.89
CA CYS A 39 -12.00 -4.30 11.86
C CYS A 39 -12.89 -4.22 13.10
N ARG A 40 -13.17 -5.36 13.72
CA ARG A 40 -14.01 -5.36 14.92
C ARG A 40 -13.20 -4.84 16.09
N LEU A 41 -11.88 -4.95 15.99
CA LEU A 41 -10.99 -4.47 17.03
C LEU A 41 -10.66 -3.00 16.77
N GLN A 42 -10.96 -2.55 15.56
CA GLN A 42 -10.70 -1.17 15.15
C GLN A 42 -11.50 -0.17 15.98
N THR A 43 -10.81 0.81 16.54
CA THR A 43 -11.47 1.83 17.33
C THR A 43 -11.08 3.22 16.83
N GLU A 44 -11.71 4.23 17.41
CA GLU A 44 -11.41 5.60 17.09
C GLU A 44 -10.03 5.87 17.64
N THR A 45 -9.26 6.69 16.95
CA THR A 45 -7.92 7.03 17.42
C THR A 45 -7.86 8.54 17.50
N THR A 46 -6.93 9.03 18.32
CA THR A 46 -6.71 10.47 18.53
C THR A 46 -6.22 11.13 17.23
N ASN A 47 -5.19 10.55 16.61
CA ASN A 47 -4.66 11.09 15.36
C ASN A 47 -5.35 10.34 14.21
N LYS A 48 -6.32 10.99 13.57
CA LYS A 48 -7.05 10.36 12.48
C LYS A 48 -6.16 9.88 11.34
N ALA A 49 -5.01 10.51 11.18
CA ALA A 49 -4.09 10.11 10.12
C ALA A 49 -3.61 8.69 10.33
N ASP A 50 -3.68 8.20 11.58
CA ASP A 50 -3.24 6.85 11.86
C ASP A 50 -4.13 5.77 11.26
N PHE A 51 -5.24 6.18 10.65
CA PHE A 51 -6.12 5.22 10.00
C PHE A 51 -5.54 4.90 8.62
N LEU A 52 -4.50 5.64 8.23
CA LEU A 52 -3.82 5.38 6.96
C LEU A 52 -2.79 4.33 7.34
N THR A 53 -3.06 3.10 6.95
CA THR A 53 -2.19 1.98 7.29
C THR A 53 -1.46 1.39 6.10
N VAL A 54 -0.51 0.52 6.39
CA VAL A 54 0.28 -0.12 5.34
C VAL A 54 -0.39 -1.36 4.75
N HIS A 55 -0.52 -1.38 3.43
CA HIS A 55 -1.05 -2.55 2.75
C HIS A 55 0.16 -3.28 2.18
N GLY A 56 1.01 -2.56 1.47
CA GLY A 56 2.20 -3.18 0.93
C GLY A 56 3.09 -2.23 0.14
N LEU A 57 4.18 -2.79 -0.39
CA LEU A 57 5.13 -2.02 -1.20
C LEU A 57 5.38 -2.96 -2.37
N TRP A 58 4.85 -2.58 -3.53
CA TRP A 58 4.90 -3.44 -4.70
C TRP A 58 5.85 -3.05 -5.82
N PRO A 59 6.93 -3.83 -6.01
CA PRO A 59 7.86 -3.50 -7.10
C PRO A 59 7.15 -3.57 -8.43
N GLY A 60 7.53 -2.68 -9.33
CA GLY A 60 6.93 -2.69 -10.65
C GLY A 60 7.47 -3.88 -11.43
N LEU A 61 6.94 -4.06 -12.63
CA LEU A 61 7.35 -5.16 -13.49
C LEU A 61 8.82 -5.07 -13.88
N PRO A 62 9.65 -6.03 -13.42
CA PRO A 62 11.08 -5.99 -13.77
C PRO A 62 11.27 -6.19 -15.27
N LYS A 63 12.23 -5.48 -15.84
CA LYS A 63 12.50 -5.62 -17.26
C LYS A 63 12.85 -7.07 -17.61
N SER A 64 13.58 -7.73 -16.71
CA SER A 64 13.99 -9.12 -16.93
C SER A 64 12.79 -10.06 -17.00
N VAL A 65 11.72 -9.70 -16.30
CA VAL A 65 10.50 -10.51 -16.29
C VAL A 65 9.64 -10.16 -17.51
N ALA A 66 9.50 -8.87 -17.78
CA ALA A 66 8.73 -8.42 -18.94
C ALA A 66 9.36 -9.02 -20.19
N ALA A 67 10.69 -9.12 -20.19
CA ALA A 67 11.42 -9.67 -21.34
C ALA A 67 10.97 -11.08 -21.67
N ARG A 68 10.45 -11.80 -20.69
CA ARG A 68 10.01 -13.18 -20.93
C ARG A 68 8.53 -13.30 -21.27
N GLY A 69 7.91 -12.18 -21.64
CA GLY A 69 6.51 -12.22 -22.03
C GLY A 69 5.47 -11.79 -21.02
N VAL A 70 5.91 -11.44 -19.81
CA VAL A 70 4.99 -11.00 -18.76
C VAL A 70 4.59 -9.54 -18.97
N ASP A 71 3.29 -9.25 -19.06
CA ASP A 71 2.87 -7.86 -19.23
C ASP A 71 2.47 -7.26 -17.88
N GLU A 72 2.20 -5.96 -17.87
CA GLU A 72 1.84 -5.25 -16.65
C GLU A 72 0.66 -5.84 -15.89
N ARG A 73 -0.40 -6.23 -16.59
CA ARG A 73 -1.56 -6.79 -15.91
C ARG A 73 -1.25 -8.13 -15.26
N ARG A 74 -0.50 -8.98 -15.94
CA ARG A 74 -0.16 -10.27 -15.40
C ARG A 74 0.72 -10.12 -14.16
N TRP A 75 1.64 -9.16 -14.21
CA TRP A 75 2.52 -8.89 -13.08
C TRP A 75 1.69 -8.41 -11.89
N MET A 76 0.70 -7.57 -12.16
CA MET A 76 -0.16 -7.04 -11.10
C MET A 76 -0.97 -8.15 -10.45
N ARG A 77 -1.42 -9.09 -11.26
CA ARG A 77 -2.24 -10.19 -10.77
C ARG A 77 -1.48 -11.21 -9.95
N PHE A 78 -0.30 -11.60 -10.41
CA PHE A 78 0.44 -12.65 -9.71
C PHE A 78 1.78 -12.29 -9.07
N GLY A 79 2.32 -11.13 -9.41
CA GLY A 79 3.61 -10.75 -8.83
C GLY A 79 4.67 -11.82 -9.00
N CYS A 80 5.35 -12.15 -7.90
CA CYS A 80 6.40 -13.16 -7.92
C CYS A 80 6.00 -14.52 -8.48
N ALA A 81 4.70 -14.77 -8.57
CA ALA A 81 4.20 -16.04 -9.08
C ALA A 81 3.98 -16.09 -10.59
N THR A 82 4.26 -15.00 -11.29
CA THR A 82 4.06 -15.00 -12.74
C THR A 82 4.93 -16.04 -13.43
N ARG A 83 4.42 -16.56 -14.53
CA ARG A 83 5.16 -17.54 -15.33
C ARG A 83 5.50 -16.84 -16.64
N PRO A 84 6.60 -17.25 -17.29
CA PRO A 84 7.54 -18.31 -16.92
C PRO A 84 8.40 -18.00 -15.69
N ILE A 85 8.62 -16.72 -15.40
CA ILE A 85 9.40 -16.30 -14.24
C ILE A 85 8.73 -15.11 -13.58
N PRO A 86 8.96 -14.88 -12.28
CA PRO A 86 9.81 -15.65 -11.35
C PRO A 86 9.30 -17.05 -11.01
N ASN A 87 8.02 -17.29 -11.26
CA ASN A 87 7.39 -18.59 -11.03
C ASN A 87 7.45 -19.12 -9.60
N LEU A 88 7.34 -18.24 -8.61
CA LEU A 88 7.32 -18.69 -7.23
C LEU A 88 5.89 -19.11 -6.90
N PRO A 89 5.68 -19.82 -5.78
CA PRO A 89 4.33 -20.24 -5.44
C PRO A 89 3.38 -19.04 -5.37
N GLU A 90 2.14 -19.23 -5.81
CA GLU A 90 1.17 -18.15 -5.81
C GLU A 90 0.64 -17.86 -4.41
N ALA A 91 0.72 -16.59 -4.02
CA ALA A 91 0.22 -16.15 -2.72
C ALA A 91 -1.28 -15.96 -2.87
N ARG A 92 -2.07 -16.55 -1.98
CA ARG A 92 -3.51 -16.38 -2.07
C ARG A 92 -4.15 -15.72 -0.86
N ALA A 93 -5.03 -14.77 -1.16
CA ALA A 93 -5.72 -14.04 -0.12
C ALA A 93 -6.57 -14.95 0.75
N SER A 94 -6.96 -16.10 0.20
CA SER A 94 -7.78 -17.07 0.92
C SER A 94 -6.97 -17.89 1.92
N ARG A 95 -5.65 -17.77 1.87
CA ARG A 95 -4.80 -18.51 2.79
C ARG A 95 -3.47 -17.79 3.01
N MET A 96 -3.56 -16.55 3.46
CA MET A 96 -2.37 -15.75 3.69
C MET A 96 -1.40 -16.37 4.69
N CYS A 97 -1.93 -17.04 5.71
CA CYS A 97 -1.07 -17.67 6.70
C CYS A 97 -0.38 -18.91 6.16
N SER A 98 -0.75 -19.34 4.96
CA SER A 98 -0.13 -20.51 4.35
C SER A 98 1.15 -20.13 3.62
N SER A 99 1.35 -18.83 3.40
CA SER A 99 2.57 -18.38 2.76
C SER A 99 3.67 -18.53 3.79
N PRO A 100 4.92 -18.65 3.34
CA PRO A 100 6.05 -18.80 4.27
C PRO A 100 6.21 -17.67 5.29
N GLU A 101 6.69 -17.99 6.48
CA GLU A 101 6.93 -16.98 7.50
C GLU A 101 8.01 -16.13 6.84
N THR A 102 7.97 -14.83 7.06
CA THR A 102 8.94 -13.94 6.42
C THR A 102 10.33 -13.87 7.05
N GLY A 103 10.44 -14.23 8.33
CA GLY A 103 11.72 -14.17 8.99
C GLY A 103 11.98 -12.78 9.55
N LEU A 104 10.96 -11.95 9.52
CA LEU A 104 11.03 -10.59 10.02
C LEU A 104 11.42 -10.62 11.50
N SER A 105 12.22 -9.66 11.95
CA SER A 105 12.64 -9.62 13.35
C SER A 105 11.45 -9.24 14.23
N LEU A 106 11.54 -9.58 15.51
CA LEU A 106 10.46 -9.23 16.45
C LEU A 106 10.28 -7.72 16.50
N GLU A 107 11.40 -7.00 16.46
CA GLU A 107 11.37 -5.55 16.49
C GLU A 107 10.62 -4.98 15.29
N THR A 108 10.97 -5.43 14.10
CA THR A 108 10.31 -4.94 12.91
C THR A 108 8.85 -5.37 12.91
N ALA A 109 8.57 -6.57 13.41
CA ALA A 109 7.21 -7.07 13.47
C ALA A 109 6.37 -6.17 14.38
N ALA A 110 6.97 -5.71 15.47
CA ALA A 110 6.26 -4.84 16.40
C ALA A 110 5.93 -3.50 15.75
N LYS A 111 6.92 -2.93 15.04
CA LYS A 111 6.72 -1.66 14.36
C LYS A 111 5.71 -1.82 13.23
N LEU A 112 5.83 -2.92 12.51
CA LEU A 112 4.94 -3.20 11.40
C LEU A 112 3.51 -3.35 11.88
N SER A 113 3.32 -4.08 12.98
CA SER A 113 2.01 -4.32 13.54
C SER A 113 1.25 -3.05 13.92
N GLU A 114 1.96 -2.05 14.43
CA GLU A 114 1.30 -0.82 14.82
C GLU A 114 0.68 -0.08 13.63
N VAL A 115 1.21 -0.31 12.43
CA VAL A 115 0.68 0.36 11.24
C VAL A 115 0.15 -0.58 10.16
N MET A 116 0.11 -1.87 10.45
CA MET A 116 -0.44 -2.87 9.54
C MET A 116 -1.22 -3.85 10.42
N PRO A 117 -2.46 -3.50 10.77
CA PRO A 117 -3.31 -4.35 11.61
C PRO A 117 -3.47 -5.79 11.12
N GLY A 118 -3.32 -5.99 9.82
CA GLY A 118 -3.47 -7.33 9.27
C GLY A 118 -2.23 -8.20 9.39
N ALA A 119 -1.11 -7.62 9.82
CA ALA A 119 0.11 -8.39 9.97
C ALA A 119 0.05 -9.35 11.15
N GLY A 120 0.71 -10.48 11.00
CA GLY A 120 0.76 -11.48 12.05
C GLY A 120 -0.57 -12.00 12.54
N GLY A 121 -0.62 -12.39 13.80
CA GLY A 121 -1.86 -12.91 14.37
C GLY A 121 -2.41 -14.05 13.54
N ARG A 122 -3.69 -13.96 13.22
CA ARG A 122 -4.35 -14.99 12.43
C ARG A 122 -4.68 -14.47 11.03
N SER A 123 -4.07 -13.35 10.67
CA SER A 123 -4.29 -12.73 9.36
C SER A 123 -3.09 -12.94 8.44
N CYS A 124 -1.89 -12.72 8.97
CA CYS A 124 -0.66 -12.94 8.21
C CYS A 124 -0.52 -12.15 6.92
N LEU A 125 -1.04 -10.92 6.89
CA LEU A 125 -0.96 -10.11 5.69
C LEU A 125 0.49 -9.96 5.20
N GLU A 126 1.44 -9.85 6.13
CA GLU A 126 2.83 -9.67 5.72
C GLU A 126 3.40 -10.90 5.02
N ARG A 127 2.89 -12.09 5.35
CA ARG A 127 3.39 -13.30 4.69
C ARG A 127 2.95 -13.27 3.23
N TYR A 128 1.68 -12.93 3.03
CA TYR A 128 1.10 -12.84 1.69
C TYR A 128 1.83 -11.77 0.88
N GLU A 129 1.96 -10.59 1.47
CA GLU A 129 2.62 -9.47 0.79
C GLU A 129 4.06 -9.79 0.41
N TYR A 130 4.79 -10.43 1.32
CA TYR A 130 6.18 -10.76 1.00
C TYR A 130 6.24 -11.86 -0.07
N ALA A 131 5.36 -12.84 0.02
CA ALA A 131 5.36 -13.92 -0.96
C ALA A 131 5.05 -13.42 -2.37
N LYS A 132 4.14 -12.47 -2.47
CA LYS A 132 3.75 -11.96 -3.77
C LYS A 132 4.62 -10.84 -4.31
N HIS A 133 5.20 -10.02 -3.43
CA HIS A 133 5.96 -8.87 -3.87
C HIS A 133 7.41 -8.75 -3.44
N GLY A 134 7.88 -9.64 -2.56
CA GLY A 134 9.25 -9.51 -2.10
C GLY A 134 10.15 -10.73 -2.17
N ALA A 135 9.59 -11.91 -1.99
CA ALA A 135 10.39 -13.13 -2.00
C ALA A 135 11.22 -13.33 -3.26
N CYS A 136 10.63 -13.09 -4.43
CA CYS A 136 11.36 -13.30 -5.67
C CYS A 136 12.48 -12.29 -5.88
N PHE A 137 12.51 -11.23 -5.08
CA PHE A 137 13.56 -10.23 -5.20
C PHE A 137 14.62 -10.47 -4.12
N GLY A 138 14.32 -11.39 -3.21
CA GLY A 138 15.26 -11.69 -2.14
C GLY A 138 15.41 -10.57 -1.14
N PHE A 139 14.41 -9.71 -1.04
CA PHE A 139 14.46 -8.58 -0.10
C PHE A 139 14.66 -9.02 1.35
N ASP A 140 15.44 -8.25 2.08
CA ASP A 140 15.60 -8.49 3.51
C ASP A 140 14.23 -8.06 4.05
N PRO A 141 13.50 -8.96 4.72
CA PRO A 141 12.18 -8.59 5.24
C PRO A 141 12.19 -7.38 6.17
N ASP A 142 13.24 -7.24 6.97
CA ASP A 142 13.34 -6.12 7.88
C ASP A 142 13.48 -4.80 7.12
N ALA A 143 14.31 -4.78 6.08
CA ALA A 143 14.48 -3.56 5.30
C ALA A 143 13.20 -3.29 4.53
N TYR A 144 12.58 -4.35 4.02
CA TYR A 144 11.35 -4.26 3.24
C TYR A 144 10.19 -3.68 4.04
N PHE A 145 9.84 -4.33 5.14
CA PHE A 145 8.73 -3.84 5.95
C PHE A 145 9.11 -2.57 6.70
N GLY A 146 10.38 -2.45 7.06
CA GLY A 146 10.82 -1.25 7.75
C GLY A 146 10.65 -0.04 6.84
N THR A 147 10.92 -0.23 5.55
CA THR A 147 10.78 0.85 4.59
C THR A 147 9.31 1.23 4.41
N MET A 148 8.41 0.24 4.40
CA MET A 148 6.98 0.54 4.26
C MET A 148 6.54 1.39 5.44
N VAL A 149 6.96 1.00 6.63
CA VAL A 149 6.58 1.73 7.83
C VAL A 149 7.05 3.18 7.74
N ARG A 150 8.29 3.39 7.34
CA ARG A 150 8.82 4.75 7.22
C ARG A 150 8.05 5.57 6.20
N LEU A 151 7.85 5.00 5.02
CA LEU A 151 7.15 5.72 3.97
C LEU A 151 5.73 6.08 4.38
N ASN A 152 5.05 5.15 5.05
CA ASN A 152 3.70 5.42 5.51
C ASN A 152 3.73 6.60 6.48
N GLN A 153 4.71 6.61 7.38
CA GLN A 153 4.84 7.69 8.34
C GLN A 153 5.07 9.02 7.63
N GLU A 154 5.90 9.02 6.59
CA GLU A 154 6.16 10.25 5.86
C GLU A 154 4.91 10.75 5.15
N ILE A 155 4.08 9.84 4.68
CA ILE A 155 2.85 10.26 4.01
C ILE A 155 1.88 10.83 5.05
N LYS A 156 1.75 10.14 6.19
CA LYS A 156 0.85 10.60 7.23
C LYS A 156 1.23 11.97 7.76
N GLU A 157 2.54 12.23 7.84
CA GLU A 157 3.04 13.51 8.36
C GLU A 157 2.99 14.64 7.34
N SER A 158 2.78 14.30 6.07
CA SER A 158 2.72 15.30 5.02
C SER A 158 1.34 15.95 4.99
N GLU A 159 1.16 16.89 4.07
CA GLU A 159 -0.12 17.58 3.95
C GLU A 159 -1.20 16.61 3.50
N ALA A 160 -0.80 15.49 2.88
CA ALA A 160 -1.76 14.49 2.44
C ALA A 160 -2.38 13.83 3.67
N GLY A 161 -1.52 13.50 4.64
CA GLY A 161 -1.98 12.88 5.87
C GLY A 161 -2.82 13.86 6.66
N LYS A 162 -2.36 15.10 6.73
CA LYS A 162 -3.09 16.14 7.46
C LYS A 162 -4.44 16.39 6.80
N PHE A 163 -4.48 16.30 5.48
CA PHE A 163 -5.72 16.50 4.74
C PHE A 163 -6.74 15.44 5.14
N LEU A 164 -6.30 14.19 5.21
CA LEU A 164 -7.20 13.10 5.58
C LEU A 164 -7.72 13.33 7.00
N ALA A 165 -6.82 13.71 7.90
CA ALA A 165 -7.20 13.95 9.29
C ALA A 165 -8.16 15.13 9.43
N ASP A 166 -7.84 16.25 8.80
CA ASP A 166 -8.70 17.43 8.88
C ASP A 166 -10.06 17.24 8.24
N ASN A 167 -10.17 16.28 7.34
CA ASN A 167 -11.44 16.01 6.66
C ASN A 167 -12.05 14.68 7.04
N TYR A 168 -11.65 14.17 8.20
CA TYR A 168 -12.15 12.91 8.70
C TYR A 168 -13.68 12.89 8.76
N GLY A 169 -14.27 11.95 8.03
CA GLY A 169 -15.71 11.81 8.00
C GLY A 169 -16.42 12.74 7.04
N LYS A 170 -15.65 13.60 6.37
CA LYS A 170 -16.21 14.55 5.43
C LYS A 170 -16.05 14.17 3.98
N THR A 171 -16.78 14.87 3.12
CA THR A 171 -16.70 14.65 1.70
C THR A 171 -15.64 15.62 1.19
N VAL A 172 -14.71 15.11 0.41
CA VAL A 172 -13.65 15.96 -0.15
C VAL A 172 -13.65 15.81 -1.66
N SER A 173 -12.98 16.73 -2.33
CA SER A 173 -12.89 16.65 -3.78
C SER A 173 -11.50 16.15 -4.12
N ARG A 174 -11.38 15.48 -5.27
CA ARG A 174 -10.09 14.99 -5.69
C ARG A 174 -9.20 16.22 -5.90
N ARG A 175 -9.81 17.32 -6.33
CA ARG A 175 -9.10 18.57 -6.55
C ARG A 175 -8.36 19.00 -5.29
N ASP A 176 -9.07 18.99 -4.16
CA ASP A 176 -8.45 19.41 -2.92
C ASP A 176 -7.46 18.38 -2.37
N PHE A 177 -7.73 17.11 -2.61
CA PHE A 177 -6.80 16.08 -2.17
C PHE A 177 -5.50 16.31 -2.93
N ASP A 178 -5.63 16.52 -4.24
CA ASP A 178 -4.46 16.75 -5.09
C ASP A 178 -3.70 17.99 -4.65
N ALA A 179 -4.44 19.03 -4.28
CA ALA A 179 -3.80 20.26 -3.83
C ALA A 179 -2.97 20.00 -2.59
N ALA A 180 -3.49 19.17 -1.69
CA ALA A 180 -2.77 18.85 -0.46
C ALA A 180 -1.52 18.04 -0.78
N PHE A 181 -1.68 17.04 -1.64
CA PHE A 181 -0.54 16.21 -2.01
C PHE A 181 0.49 17.11 -2.69
N ALA A 182 0.03 17.97 -3.59
CA ALA A 182 0.91 18.89 -4.30
C ALA A 182 1.60 19.88 -3.37
N LYS A 183 0.93 20.27 -2.30
CA LYS A 183 1.54 21.22 -1.36
C LYS A 183 2.82 20.63 -0.80
N SER A 184 2.80 19.34 -0.50
CA SER A 184 3.98 18.68 0.05
C SER A 184 4.95 18.19 -1.00
N TRP A 185 4.45 17.69 -2.14
CA TRP A 185 5.34 17.12 -3.13
C TRP A 185 5.37 17.65 -4.55
N GLY A 186 4.55 18.65 -4.86
CA GLY A 186 4.60 19.20 -6.19
C GLY A 186 3.43 18.77 -7.05
N LYS A 187 2.94 19.72 -7.84
CA LYS A 187 1.82 19.48 -8.72
C LYS A 187 2.07 18.38 -9.73
N GLU A 188 3.28 18.31 -10.26
CA GLU A 188 3.60 17.30 -11.26
C GLU A 188 3.66 15.88 -10.70
N ASN A 189 3.56 15.74 -9.38
CA ASN A 189 3.60 14.42 -8.76
C ASN A 189 2.23 13.93 -8.31
N VAL A 190 1.21 14.74 -8.54
CA VAL A 190 -0.15 14.36 -8.19
C VAL A 190 -0.54 13.11 -8.99
N LYS A 191 0.03 12.98 -10.18
CA LYS A 191 -0.25 11.84 -11.05
C LYS A 191 0.35 10.52 -10.54
N ALA A 192 1.19 10.58 -9.51
CA ALA A 192 1.79 9.37 -8.97
C ALA A 192 0.81 8.64 -8.06
N VAL A 193 -0.34 9.26 -7.80
CA VAL A 193 -1.31 8.69 -6.89
C VAL A 193 -2.59 8.11 -7.51
N LYS A 194 -2.92 6.90 -7.11
CA LYS A 194 -4.14 6.24 -7.54
C LYS A 194 -4.98 6.05 -6.28
N LEU A 195 -6.22 6.51 -6.32
CA LEU A 195 -7.10 6.35 -5.17
C LEU A 195 -8.13 5.28 -5.47
N THR A 196 -8.46 4.48 -4.45
CA THR A 196 -9.47 3.46 -4.62
C THR A 196 -10.58 3.76 -3.64
N CYS A 197 -11.81 3.63 -4.12
CA CYS A 197 -13.00 3.86 -3.31
C CYS A 197 -13.97 2.70 -3.44
N GLN A 198 -14.94 2.70 -2.55
CA GLN A 198 -16.00 1.71 -2.50
C GLN A 198 -17.30 2.47 -2.26
N GLY A 199 -18.40 1.88 -2.71
CA GLY A 199 -19.71 2.49 -2.49
C GLY A 199 -20.14 3.65 -3.35
N ASN A 200 -21.36 4.12 -3.08
CA ASN A 200 -21.90 5.24 -3.80
C ASN A 200 -22.90 5.89 -2.85
N PRO A 201 -22.57 7.09 -2.34
CA PRO A 201 -21.35 7.85 -2.61
C PRO A 201 -20.05 7.11 -2.31
N ALA A 202 -19.03 7.44 -3.08
CA ALA A 202 -17.72 6.83 -2.93
C ALA A 202 -17.05 7.21 -1.63
N TYR A 203 -16.39 6.24 -1.01
CA TYR A 203 -15.63 6.53 0.20
C TYR A 203 -14.27 5.88 0.01
N LEU A 204 -13.25 6.55 0.53
CA LEU A 204 -11.87 6.11 0.38
C LEU A 204 -11.52 4.79 1.04
N THR A 205 -10.80 3.93 0.30
CA THR A 205 -10.36 2.65 0.85
C THR A 205 -8.86 2.46 0.69
N GLU A 206 -8.26 3.11 -0.30
CA GLU A 206 -6.82 2.95 -0.49
C GLU A 206 -6.15 4.04 -1.31
N ILE A 207 -4.88 4.28 -0.98
CA ILE A 207 -4.06 5.26 -1.67
C ILE A 207 -2.81 4.52 -2.15
N GLN A 208 -2.56 4.54 -3.46
CA GLN A 208 -1.39 3.89 -4.02
C GLN A 208 -0.50 4.97 -4.61
N ILE A 209 0.77 4.97 -4.20
CA ILE A 209 1.71 5.99 -4.63
C ILE A 209 2.91 5.39 -5.34
N SER A 210 3.16 5.85 -6.57
CA SER A 210 4.28 5.34 -7.34
C SER A 210 5.56 6.10 -7.01
N ILE A 211 6.55 5.35 -6.56
CA ILE A 211 7.84 5.90 -6.16
C ILE A 211 8.98 5.32 -6.99
N LYS A 212 9.93 6.17 -7.37
CA LYS A 212 11.09 5.73 -8.15
C LYS A 212 11.87 4.71 -7.32
N ALA A 213 12.25 3.60 -7.95
CA ALA A 213 13.02 2.59 -7.23
C ALA A 213 14.34 3.19 -6.76
N ASP A 214 14.90 4.11 -7.55
CA ASP A 214 16.16 4.75 -7.20
C ASP A 214 16.06 5.61 -5.94
N ALA A 215 14.85 6.06 -5.61
CA ALA A 215 14.66 6.92 -4.46
C ALA A 215 14.02 6.24 -3.27
N ILE A 216 13.80 4.94 -3.35
CA ILE A 216 13.12 4.24 -2.28
C ILE A 216 13.78 4.29 -0.90
N ASN A 217 15.11 4.41 -0.86
CA ASN A 217 15.82 4.43 0.42
C ASN A 217 16.12 5.81 0.97
N ALA A 218 15.50 6.83 0.40
CA ALA A 218 15.71 8.18 0.87
C ALA A 218 14.38 8.78 1.30
N PRO A 219 14.42 9.83 2.11
CA PRO A 219 13.16 10.46 2.54
C PRO A 219 12.45 10.92 1.28
N LEU A 220 11.12 10.87 1.27
CA LEU A 220 10.39 11.30 0.09
C LEU A 220 10.57 12.79 -0.16
N SER A 221 10.68 13.15 -1.44
CA SER A 221 10.82 14.54 -1.87
C SER A 221 10.10 14.65 -3.21
N ALA A 222 10.05 15.85 -3.77
CA ALA A 222 9.39 16.07 -5.04
C ALA A 222 10.10 15.38 -6.21
N ASN A 223 11.21 14.73 -5.92
CA ASN A 223 11.98 14.03 -6.94
C ASN A 223 11.85 12.53 -6.76
N SER A 224 11.04 12.11 -5.80
CA SER A 224 10.88 10.69 -5.49
C SER A 224 9.79 9.95 -6.24
N PHE A 225 8.85 10.67 -6.84
CA PHE A 225 7.72 10.04 -7.49
C PHE A 225 7.74 9.87 -9.00
N LEU A 226 6.85 9.00 -9.47
CA LEU A 226 6.70 8.71 -10.89
C LEU A 226 5.24 8.81 -11.26
N PRO A 227 4.93 9.51 -12.34
CA PRO A 227 3.53 9.61 -12.71
C PRO A 227 3.06 8.23 -13.18
N GLN A 228 1.77 7.97 -13.02
CA GLN A 228 1.21 6.72 -13.47
C GLN A 228 -0.15 7.05 -14.07
N PRO A 229 -0.63 6.21 -14.99
CA PRO A 229 -1.90 6.35 -15.72
C PRO A 229 -3.25 6.27 -15.03
N HIS A 230 -3.31 5.75 -13.82
CA HIS A 230 -4.60 5.57 -13.18
C HIS A 230 -4.97 6.42 -11.97
N PRO A 231 -5.91 7.37 -12.13
CA PRO A 231 -6.33 8.21 -11.02
C PRO A 231 -7.12 7.39 -10.00
N GLY A 232 -7.78 6.33 -10.48
CA GLY A 232 -8.57 5.51 -9.58
C GLY A 232 -10.06 5.57 -9.90
N ASN A 233 -10.87 4.99 -9.01
CA ASN A 233 -12.31 4.93 -9.21
C ASN A 233 -13.13 5.75 -8.22
N CYS A 234 -12.51 6.77 -7.62
CA CYS A 234 -13.20 7.61 -6.65
C CYS A 234 -14.04 8.74 -7.26
N GLY A 235 -13.69 9.17 -8.46
CA GLY A 235 -14.43 10.26 -9.06
C GLY A 235 -14.01 11.62 -8.53
N LYS A 236 -14.83 12.64 -8.81
CA LYS A 236 -14.54 14.00 -8.41
C LYS A 236 -14.56 14.26 -6.91
N THR A 237 -15.41 13.53 -6.19
CA THR A 237 -15.51 13.70 -4.75
C THR A 237 -15.73 12.35 -4.08
N PHE A 238 -15.36 12.26 -2.82
CA PHE A 238 -15.50 11.04 -2.05
C PHE A 238 -15.43 11.33 -0.57
N VAL A 239 -15.88 10.38 0.23
CA VAL A 239 -15.93 10.53 1.68
C VAL A 239 -14.73 9.90 2.36
N ILE A 240 -14.20 10.60 3.36
CA ILE A 240 -13.09 10.08 4.14
C ILE A 240 -13.81 9.33 5.25
N ASP A 241 -14.11 8.06 4.99
CA ASP A 241 -14.83 7.21 5.92
C ASP A 241 -14.33 7.23 7.35
N LYS A 242 -15.27 7.35 8.29
CA LYS A 242 -14.94 7.34 9.72
C LYS A 242 -15.07 5.93 10.28
N ALA A 243 -14.46 5.71 11.45
CA ALA A 243 -14.55 4.40 12.10
C ALA A 243 -16.02 4.13 12.39
N GLY A 244 -16.40 2.86 12.34
CA GLY A 244 -17.79 2.51 12.59
C GLY A 244 -18.50 2.23 11.28
N TYR A 245 -19.43 1.27 11.31
CA TYR A 245 -20.20 0.88 10.14
C TYR A 245 -21.46 1.72 9.98
CA CA B . -17.09 3.68 8.34
O1 MES C . 16.48 -19.08 -10.87
C2 MES C . 16.57 -18.71 -12.27
C3 MES C . 17.49 -17.51 -12.48
N4 MES C . 17.31 -16.41 -11.41
C5 MES C . 16.96 -16.87 -9.99
C6 MES C . 15.95 -18.02 -10.05
C7 MES C . 18.37 -15.43 -11.45
C8 MES C . 17.79 -14.02 -11.63
S MES C . 18.93 -12.85 -11.72
O1S MES C . 20.04 -13.23 -12.63
O2S MES C . 18.28 -11.62 -12.24
O3S MES C . 19.39 -12.52 -10.37
#